data_4PBZ
#
_entry.id   4PBZ
#
_cell.length_a   61.800
_cell.length_b   59.820
_cell.length_c   68.070
_cell.angle_alpha   90.000
_cell.angle_beta   99.190
_cell.angle_gamma   90.000
#
_symmetry.space_group_name_H-M   'P 1 21 1'
#
loop_
_entity.id
_entity.type
_entity.pdbx_description
1 polymer 'Histone-binding protein RBBP4'
2 polymer 'Metastasis-associated protein MTA1'
3 water water
#
loop_
_entity_poly.entity_id
_entity_poly.type
_entity_poly.pdbx_seq_one_letter_code
_entity_poly.pdbx_strand_id
1 'polypeptide(L)'
;MADKEAAFDDAVEERVINEEYKIWKKNTPFLYDLVMTHALEWPSLTAQWLPDVTRPEGKDFSIHRLVLGTHTSDEQNHLV
IASVQLPNDDAQFDASHYDSEKGEFGGFGSVSGKIEIEIKINHEGEVNRARYMPQNPCIIATKTPSSDVLVFDYTKHPSK
PDPSGECNPDLRLRGHQKEGYGLSWNPNLSGHLLSASDDHTICLWDISAVPKEGKVVDAKTIFTGHTAVVEDVSWHLLHE
SLFGSVADDQKLMIWDTRSNNTSKPSHSVDAHTAEVNCLSFNPYSEFILATGSADKTVALWDLRNLKLKLHSFESHKDEI
FQVQWSPHNETILASSGTDRRLNVWDLSKIGEEQSPEDAEDGPPELLFIHGGHTAKISDFSWNPNEPWVICSVSEDNIMQ
VWQMAENIYNDEDPEGSVDPEGQGS
;
A
2 'polypeptide(L)' KLLSSSETKRAARRPYKPIALRQSQA B
#
# COMPACT_ATOMS: atom_id res chain seq x y z
N ALA A 2 -37.88 -1.74 3.44
CA ALA A 2 -37.14 -0.84 4.37
C ALA A 2 -35.62 -0.95 4.14
N ASP A 3 -34.85 -0.50 5.13
CA ASP A 3 -33.39 -0.71 5.18
C ASP A 3 -33.00 -2.14 5.45
N LYS A 4 -33.94 -2.92 5.99
CA LYS A 4 -33.70 -4.31 6.37
C LYS A 4 -33.00 -5.12 5.26
N GLU A 5 -33.44 -4.98 4.01
CA GLU A 5 -32.85 -5.68 2.83
C GLU A 5 -31.32 -5.58 2.73
N ALA A 6 -30.78 -4.45 3.20
CA ALA A 6 -29.35 -4.19 3.17
C ALA A 6 -28.61 -5.02 4.21
N ALA A 7 -29.03 -4.96 5.48
CA ALA A 7 -28.39 -5.77 6.53
C ALA A 7 -28.52 -7.28 6.25
N PHE A 8 -29.64 -7.70 5.62
CA PHE A 8 -29.85 -9.13 5.23
C PHE A 8 -28.95 -9.49 4.05
N ASP A 9 -28.91 -8.64 3.04
CA ASP A 9 -28.04 -8.88 1.89
C ASP A 9 -26.56 -8.93 2.27
N ASP A 10 -26.14 -8.14 3.26
CA ASP A 10 -24.77 -8.15 3.77
C ASP A 10 -24.48 -9.47 4.44
N ALA A 11 -25.42 -9.90 5.27
CA ALA A 11 -25.26 -11.14 6.02
C ALA A 11 -25.18 -12.34 5.08
N VAL A 12 -25.90 -12.32 3.98
CA VAL A 12 -25.78 -13.39 2.94
C VAL A 12 -24.40 -13.37 2.26
N GLU A 13 -23.91 -12.15 2.04
CA GLU A 13 -22.62 -11.92 1.46
C GLU A 13 -21.53 -12.42 2.41
N GLU A 14 -21.61 -12.03 3.68
CA GLU A 14 -20.70 -12.49 4.70
C GLU A 14 -20.63 -14.03 4.82
N ARG A 15 -21.75 -14.65 4.55
CA ARG A 15 -21.87 -16.08 4.55
C ARG A 15 -21.11 -16.68 3.37
N VAL A 16 -21.22 -16.09 2.21
CA VAL A 16 -20.41 -16.54 1.06
C VAL A 16 -18.92 -16.29 1.33
N ILE A 17 -18.60 -15.23 2.06
CA ILE A 17 -17.26 -14.82 2.23
C ILE A 17 -16.61 -15.80 3.13
N ASN A 18 -17.32 -16.21 4.18
CA ASN A 18 -16.79 -17.24 5.12
C ASN A 18 -16.62 -18.59 4.49
N GLU A 19 -17.50 -18.96 3.57
CA GLU A 19 -17.30 -20.21 2.83
C GLU A 19 -16.01 -20.20 1.99
N GLU A 20 -15.86 -19.16 1.19
CA GLU A 20 -14.67 -18.98 0.39
C GLU A 20 -13.40 -18.97 1.25
N TYR A 21 -13.46 -18.34 2.41
CA TYR A 21 -12.34 -18.31 3.29
C TYR A 21 -11.94 -19.74 3.72
N LYS A 22 -12.95 -20.55 4.04
CA LYS A 22 -12.71 -21.92 4.51
C LYS A 22 -11.96 -22.69 3.42
N ILE A 23 -12.37 -22.48 2.18
CA ILE A 23 -11.72 -23.13 1.04
C ILE A 23 -10.28 -22.65 0.84
N TRP A 24 -10.08 -21.34 0.93
CA TRP A 24 -8.73 -20.78 0.79
C TRP A 24 -7.80 -21.34 1.86
N LYS A 25 -8.25 -21.31 3.10
CA LYS A 25 -7.47 -21.78 4.23
C LYS A 25 -7.04 -23.25 3.96
N LYS A 26 -7.96 -24.09 3.54
CA LYS A 26 -7.59 -25.44 3.24
C LYS A 26 -6.60 -25.51 2.08
N ASN A 27 -6.62 -24.56 1.16
CA ASN A 27 -5.68 -24.54 0.03
C ASN A 27 -4.25 -24.02 0.36
N THR A 28 -4.02 -23.44 1.53
CA THR A 28 -2.79 -22.68 1.74
C THR A 28 -1.51 -23.48 1.65
N PRO A 29 -1.51 -24.77 2.11
CA PRO A 29 -0.27 -25.57 2.01
C PRO A 29 0.29 -25.63 0.63
N PHE A 30 -0.55 -25.53 -0.40
CA PHE A 30 -0.08 -25.61 -1.79
C PHE A 30 0.22 -24.28 -2.47
N LEU A 31 -0.38 -23.20 -1.97
CA LEU A 31 -0.24 -21.89 -2.60
C LEU A 31 0.85 -21.01 -1.99
N TYR A 32 1.27 -21.34 -0.78
CA TYR A 32 2.10 -20.43 0.02
C TYR A 32 3.29 -21.17 0.62
N ASP A 33 4.47 -20.56 0.56
CA ASP A 33 5.60 -21.04 1.33
C ASP A 33 5.54 -20.40 2.74
N LEU A 34 4.75 -19.35 2.91
CA LEU A 34 4.56 -18.81 4.25
C LEU A 34 3.20 -18.13 4.30
N VAL A 35 2.46 -18.32 5.38
CA VAL A 35 1.26 -17.55 5.71
C VAL A 35 1.20 -17.40 7.24
N MET A 36 1.29 -16.18 7.72
CA MET A 36 1.03 -15.84 9.12
C MET A 36 -0.16 -14.89 9.24
N THR A 37 -1.18 -15.28 10.00
CA THR A 37 -2.34 -14.40 10.28
C THR A 37 -2.31 -13.90 11.73
N HIS A 38 -2.53 -12.62 11.95
CA HIS A 38 -2.45 -12.02 13.28
C HIS A 38 -3.52 -10.95 13.44
N ALA A 39 -4.29 -11.05 14.49
CA ALA A 39 -5.38 -10.09 14.73
C ALA A 39 -4.89 -8.95 15.63
N LEU A 40 -4.90 -7.75 15.08
CA LEU A 40 -4.39 -6.60 15.79
C LEU A 40 -5.45 -6.15 16.79
N GLU A 41 -5.08 -5.33 17.75
CA GLU A 41 -6.06 -4.87 18.73
C GLU A 41 -7.09 -4.01 18.02
N TRP A 42 -6.58 -3.08 17.23
CA TRP A 42 -7.40 -2.25 16.37
C TRP A 42 -6.99 -2.45 14.91
N PRO A 43 -7.91 -2.20 13.99
CA PRO A 43 -7.48 -2.26 12.59
C PRO A 43 -6.36 -1.28 12.30
N SER A 44 -5.43 -1.62 11.40
CA SER A 44 -4.46 -0.64 10.87
C SER A 44 -4.90 -0.22 9.46
N LEU A 45 -4.80 1.08 9.21
CA LEU A 45 -5.07 1.65 7.89
C LEU A 45 -3.82 1.72 7.05
N THR A 46 -2.67 1.44 7.63
CA THR A 46 -1.40 1.65 6.99
C THR A 46 -0.53 0.42 7.30
N ALA A 47 0.43 0.14 6.42
CA ALA A 47 1.48 -0.81 6.71
C ALA A 47 2.64 -0.47 5.84
N GLN A 48 3.84 -0.57 6.38
CA GLN A 48 5.07 -0.38 5.64
C GLN A 48 6.22 -1.06 6.33
N TRP A 49 6.98 -1.88 5.64
CA TRP A 49 8.13 -2.51 6.24
C TRP A 49 9.27 -1.53 6.45
N LEU A 50 9.95 -1.62 7.59
CA LEU A 50 11.15 -0.81 7.82
C LEU A 50 12.30 -1.45 7.10
N PRO A 51 13.28 -0.63 6.69
CA PRO A 51 14.37 -1.12 5.82
C PRO A 51 15.33 -2.07 6.49
N ASP A 52 15.36 -2.07 7.79
CA ASP A 52 16.32 -2.85 8.54
C ASP A 52 15.88 -4.30 8.78
N VAL A 53 16.84 -5.20 8.74
CA VAL A 53 16.61 -6.54 9.24
C VAL A 53 17.74 -6.87 10.21
N THR A 54 17.46 -7.71 11.19
CA THR A 54 18.51 -8.22 12.07
C THR A 54 18.48 -9.76 12.09
N ARG A 55 19.61 -10.39 11.77
CA ARG A 55 19.72 -11.84 11.62
C ARG A 55 20.63 -12.44 12.72
N PRO A 56 20.06 -12.89 13.85
CA PRO A 56 20.87 -13.41 14.96
C PRO A 56 21.75 -14.61 14.57
N GLU A 57 22.98 -14.64 15.07
CA GLU A 57 23.88 -15.73 14.74
C GLU A 57 23.35 -17.04 15.28
N GLY A 58 23.55 -18.07 14.46
CA GLY A 58 23.13 -19.42 14.80
C GLY A 58 21.65 -19.69 14.66
N LYS A 59 20.85 -18.65 14.45
CA LYS A 59 19.39 -18.82 14.50
C LYS A 59 18.75 -19.07 13.13
N ASP A 60 17.55 -19.63 13.20
CA ASP A 60 16.84 -20.08 12.01
C ASP A 60 15.74 -19.10 11.58
N PHE A 61 15.82 -17.87 12.07
CA PHE A 61 14.90 -16.85 11.66
C PHE A 61 15.59 -15.49 11.69
N SER A 62 14.93 -14.47 11.15
CA SER A 62 15.43 -13.10 11.23
C SER A 62 14.32 -12.17 11.71
N ILE A 63 14.69 -10.97 12.14
CA ILE A 63 13.69 -10.06 12.71
C ILE A 63 13.55 -8.84 11.84
N HIS A 64 12.28 -8.55 11.56
CA HIS A 64 11.90 -7.49 10.67
C HIS A 64 10.86 -6.70 11.37
N ARG A 65 10.67 -5.49 10.89
CA ARG A 65 9.76 -4.59 11.56
C ARG A 65 8.90 -3.78 10.62
N LEU A 66 7.72 -3.44 11.14
CA LEU A 66 6.62 -2.81 10.43
C LEU A 66 6.06 -1.57 11.10
N VAL A 67 5.88 -0.52 10.33
CA VAL A 67 5.17 0.63 10.76
C VAL A 67 3.71 0.39 10.48
N LEU A 68 2.93 0.42 11.55
CA LEU A 68 1.48 0.27 11.48
C LEU A 68 0.88 1.42 12.23
N GLY A 69 -0.43 1.42 12.36
CA GLY A 69 -1.12 2.43 13.12
C GLY A 69 -2.38 1.79 13.67
N THR A 70 -3.26 2.61 14.22
CA THR A 70 -4.53 2.12 14.80
C THR A 70 -5.67 2.88 14.23
N HIS A 71 -6.87 2.32 14.36
CA HIS A 71 -8.10 2.96 13.96
C HIS A 71 -9.24 2.55 14.90
N THR A 72 -9.27 3.13 16.09
CA THR A 72 -10.26 2.82 17.15
C THR A 72 -11.65 3.38 16.93
N SER A 73 -12.66 2.59 17.29
CA SER A 73 -14.05 3.03 17.13
C SER A 73 -14.27 4.32 17.87
N ASP A 74 -13.87 4.34 19.14
CA ASP A 74 -13.31 5.51 19.80
C ASP A 74 -12.58 5.18 21.10
N GLU A 75 -11.28 5.31 21.06
CA GLU A 75 -10.41 5.00 22.16
C GLU A 75 -9.10 5.62 21.75
N GLN A 76 -8.07 5.52 22.58
CA GLN A 76 -6.80 6.12 22.21
C GLN A 76 -6.12 5.46 21.00
N ASN A 77 -5.72 6.29 20.05
CA ASN A 77 -5.02 5.87 18.84
C ASN A 77 -3.51 6.00 18.94
N HIS A 78 -2.80 5.05 18.32
CA HIS A 78 -1.34 5.03 18.36
C HIS A 78 -0.74 4.85 16.97
N LEU A 79 0.54 5.21 16.87
CA LEU A 79 1.42 4.86 15.78
C LEU A 79 2.29 3.70 16.28
N VAL A 80 2.41 2.63 15.50
CA VAL A 80 2.96 1.37 15.96
C VAL A 80 4.22 0.92 15.22
N ILE A 81 5.14 0.28 15.94
CA ILE A 81 6.25 -0.44 15.35
C ILE A 81 6.14 -1.85 15.90
N ALA A 82 5.98 -2.82 15.02
CA ALA A 82 5.88 -4.22 15.38
C ALA A 82 7.09 -4.96 14.85
N SER A 83 7.42 -6.08 15.46
CA SER A 83 8.51 -6.90 14.96
C SER A 83 7.87 -8.14 14.42
N VAL A 84 8.57 -8.78 13.49
CA VAL A 84 8.07 -10.00 12.84
C VAL A 84 9.27 -10.90 12.70
N GLN A 85 9.11 -12.12 13.18
CA GLN A 85 10.15 -13.12 13.03
C GLN A 85 9.80 -13.91 11.82
N LEU A 86 10.75 -14.04 10.90
CA LEU A 86 10.51 -14.72 9.64
C LEU A 86 11.48 -15.85 9.46
N PRO A 87 10.97 -17.02 9.06
CA PRO A 87 11.86 -18.15 8.81
C PRO A 87 12.96 -17.86 7.81
N ASN A 88 14.01 -18.63 7.92
CA ASN A 88 15.31 -18.28 7.41
C ASN A 88 15.70 -19.19 6.24
N ASP A 89 16.73 -18.77 5.51
CA ASP A 89 17.23 -19.51 4.35
C ASP A 89 18.57 -20.22 4.63
N LYS A 114 6.00 -15.44 15.05
CA LYS A 114 5.54 -14.55 16.13
C LYS A 114 5.73 -13.09 15.81
N ILE A 115 4.76 -12.31 16.25
CA ILE A 115 4.65 -10.92 15.94
C ILE A 115 4.33 -10.17 17.22
N GLU A 116 5.09 -9.13 17.51
CA GLU A 116 4.99 -8.46 18.78
C GLU A 116 5.08 -6.98 18.60
N ILE A 117 4.24 -6.26 19.33
CA ILE A 117 4.26 -4.82 19.35
C ILE A 117 5.45 -4.36 20.16
N GLU A 118 6.32 -3.55 19.57
CA GLU A 118 7.53 -3.10 20.25
C GLU A 118 7.47 -1.65 20.66
N ILE A 119 6.70 -0.83 19.96
CA ILE A 119 6.61 0.57 20.28
C ILE A 119 5.18 1.04 19.98
N LYS A 120 4.65 1.89 20.85
CA LYS A 120 3.35 2.55 20.69
C LYS A 120 3.50 4.02 21.04
N ILE A 121 3.06 4.90 20.16
CA ILE A 121 3.21 6.32 20.36
C ILE A 121 1.85 6.93 20.24
N ASN A 122 1.50 7.79 21.20
CA ASN A 122 0.16 8.37 21.25
C ASN A 122 -0.07 9.23 20.02
N HIS A 123 -1.30 9.19 19.51
CA HIS A 123 -1.61 9.74 18.21
C HIS A 123 -3.01 10.35 18.22
N GLU A 124 -3.09 11.57 17.68
CA GLU A 124 -4.33 12.34 17.54
C GLU A 124 -5.19 11.77 16.43
N GLY A 125 -6.08 10.87 16.79
CA GLY A 125 -6.95 10.19 15.82
C GLY A 125 -6.29 8.98 15.15
N GLU A 126 -7.06 8.33 14.29
CA GLU A 126 -6.55 7.20 13.50
C GLU A 126 -5.41 7.64 12.60
N VAL A 127 -4.43 6.75 12.46
CA VAL A 127 -3.35 6.91 11.48
C VAL A 127 -3.85 6.52 10.07
N ASN A 128 -4.16 7.51 9.24
CA ASN A 128 -4.54 7.30 7.84
C ASN A 128 -3.39 6.65 7.04
N ARG A 129 -2.17 7.15 7.25
CA ARG A 129 -1.00 6.59 6.59
C ARG A 129 0.26 6.99 7.35
N ALA A 130 1.25 6.11 7.38
CA ALA A 130 2.51 6.37 8.04
C ALA A 130 3.64 5.89 7.15
N ARG A 131 4.65 6.74 6.94
CA ARG A 131 5.77 6.43 6.08
C ARG A 131 7.10 6.92 6.68
N TYR A 132 8.10 6.04 6.74
CA TYR A 132 9.42 6.41 7.28
C TYR A 132 10.25 7.23 6.28
N MET A 133 11.17 8.06 6.77
CA MET A 133 12.05 8.81 5.89
C MET A 133 13.17 7.89 5.45
N PRO A 134 13.39 7.75 4.15
CA PRO A 134 14.44 6.83 3.72
C PRO A 134 15.81 7.15 4.29
N GLN A 135 16.15 8.43 4.33
CA GLN A 135 17.49 8.85 4.77
C GLN A 135 17.65 8.74 6.31
N ASN A 136 16.53 8.64 7.02
CA ASN A 136 16.55 8.38 8.45
C ASN A 136 15.25 7.67 8.90
N PRO A 137 15.28 6.32 8.94
CA PRO A 137 14.10 5.46 9.18
C PRO A 137 13.48 5.56 10.55
N CYS A 138 14.15 6.25 11.47
CA CYS A 138 13.56 6.53 12.78
C CYS A 138 12.53 7.62 12.70
N ILE A 139 12.59 8.43 11.62
CA ILE A 139 11.62 9.48 11.38
C ILE A 139 10.41 8.93 10.62
N ILE A 140 9.22 9.27 11.07
CA ILE A 140 8.00 8.74 10.48
C ILE A 140 6.96 9.83 10.35
N ALA A 141 6.50 10.09 9.12
CA ALA A 141 5.38 11.01 8.94
C ALA A 141 4.04 10.29 9.06
N THR A 142 3.02 10.96 9.59
CA THR A 142 1.68 10.39 9.62
C THR A 142 0.64 11.37 9.12
N LYS A 143 -0.43 10.83 8.58
CA LYS A 143 -1.57 11.61 8.13
C LYS A 143 -2.69 11.33 9.10
N THR A 144 -3.53 12.32 9.34
CA THR A 144 -4.47 12.26 10.45
C THR A 144 -5.85 12.61 9.90
N PRO A 145 -6.90 12.48 10.75
CA PRO A 145 -8.24 12.96 10.38
C PRO A 145 -8.33 14.50 10.30
N SER A 146 -7.33 15.17 10.90
CA SER A 146 -7.19 16.60 10.84
C SER A 146 -6.41 17.03 9.61
N SER A 147 -6.27 18.34 9.46
CA SER A 147 -5.49 18.94 8.39
C SER A 147 -3.98 18.86 8.68
N ASP A 148 -3.61 18.66 9.95
CA ASP A 148 -2.21 18.57 10.29
C ASP A 148 -1.58 17.27 9.76
N VAL A 149 -0.35 17.42 9.30
CA VAL A 149 0.52 16.31 8.96
C VAL A 149 1.58 16.27 10.03
N LEU A 150 1.55 15.22 10.84
CA LEU A 150 2.46 15.10 11.95
C LEU A 150 3.75 14.43 11.54
N VAL A 151 4.80 14.63 12.34
CA VAL A 151 6.09 13.98 12.14
C VAL A 151 6.53 13.59 13.53
N PHE A 152 7.05 12.37 13.64
CA PHE A 152 7.52 11.81 14.89
C PHE A 152 8.92 11.24 14.63
N ASP A 153 9.71 11.16 15.70
CA ASP A 153 11.01 10.49 15.69
C ASP A 153 10.92 9.55 16.85
N TYR A 154 10.79 8.25 16.55
CA TYR A 154 10.47 7.29 17.61
C TYR A 154 11.59 7.07 18.65
N THR A 155 12.82 7.41 18.28
CA THR A 155 13.93 7.37 19.23
C THR A 155 13.77 8.44 20.30
N LYS A 156 13.05 9.52 19.99
CA LYS A 156 12.70 10.58 20.96
C LYS A 156 11.37 10.37 21.69
N HIS A 157 10.98 9.12 21.91
CA HIS A 157 9.73 8.83 22.58
C HIS A 157 9.92 7.57 23.37
N PRO A 158 9.09 7.37 24.40
CA PRO A 158 9.14 6.13 25.16
C PRO A 158 8.44 5.01 24.41
N SER A 159 8.89 3.78 24.61
CA SER A 159 8.20 2.60 24.09
C SER A 159 6.78 2.49 24.62
N LYS A 160 6.63 2.71 25.90
CA LYS A 160 5.33 2.58 26.53
C LYS A 160 4.68 3.95 26.49
N PRO A 161 3.49 4.04 25.89
CA PRO A 161 2.88 5.36 25.71
C PRO A 161 2.33 5.88 27.04
N ASP A 162 2.22 7.19 27.16
CA ASP A 162 1.66 7.78 28.38
C ASP A 162 0.17 7.55 28.49
N PRO A 163 -0.29 7.06 29.67
CA PRO A 163 -1.68 6.65 29.92
C PRO A 163 -2.68 7.79 29.75
N SER A 164 -2.17 9.02 29.78
CA SER A 164 -2.94 10.22 29.43
C SER A 164 -3.45 10.16 28.00
N GLY A 165 -2.59 9.69 27.11
CA GLY A 165 -2.92 9.57 25.69
C GLY A 165 -2.70 10.88 24.95
N GLU A 166 -1.79 11.70 25.47
CA GLU A 166 -1.52 13.03 24.91
C GLU A 166 -0.46 12.94 23.81
N CYS A 167 -0.84 13.36 22.61
CA CYS A 167 0.02 13.23 21.43
C CYS A 167 0.94 14.43 21.27
N ASN A 168 2.22 14.21 21.54
CA ASN A 168 3.22 15.25 21.42
C ASN A 168 4.16 15.03 20.22
N PRO A 169 3.80 15.56 19.04
CA PRO A 169 4.59 15.31 17.85
C PRO A 169 5.85 16.17 17.73
N ASP A 170 6.93 15.55 17.32
CA ASP A 170 8.18 16.26 17.10
C ASP A 170 8.10 17.37 16.06
N LEU A 171 7.15 17.29 15.13
CA LEU A 171 6.82 18.43 14.28
C LEU A 171 5.33 18.46 13.99
N ARG A 172 4.90 19.53 13.34
CA ARG A 172 3.52 19.63 12.95
C ARG A 172 3.47 20.49 11.73
N LEU A 173 3.02 19.91 10.63
CA LEU A 173 3.09 20.56 9.35
C LEU A 173 1.73 21.09 8.95
N ARG A 174 1.71 22.31 8.42
CA ARG A 174 0.46 22.96 8.08
C ARG A 174 0.49 23.37 6.63
N GLY A 175 -0.69 23.62 6.08
CA GLY A 175 -0.82 23.95 4.66
C GLY A 175 -2.14 23.48 4.08
N HIS A 176 -2.72 22.44 4.69
CA HIS A 176 -3.97 21.81 4.23
C HIS A 176 -5.15 22.28 5.06
N GLN A 177 -6.33 22.31 4.46
CA GLN A 177 -7.56 22.61 5.18
C GLN A 177 -8.30 21.34 5.58
N LYS A 178 -7.90 20.21 5.02
CA LYS A 178 -8.53 18.92 5.35
C LYS A 178 -7.56 17.73 5.34
N GLU A 179 -8.07 16.61 5.85
CA GLU A 179 -7.34 15.35 5.86
C GLU A 179 -7.04 14.83 4.46
N GLY A 180 -6.17 13.83 4.41
CA GLY A 180 -6.01 13.02 3.20
C GLY A 180 -5.29 11.71 3.47
N TYR A 181 -4.75 11.12 2.41
CA TYR A 181 -4.04 9.83 2.49
C TYR A 181 -2.62 9.89 1.94
N GLY A 182 -2.44 10.50 0.78
CA GLY A 182 -1.14 10.55 0.12
C GLY A 182 -0.03 11.17 0.93
N LEU A 183 1.14 10.54 0.88
CA LEU A 183 2.25 10.86 1.74
C LEU A 183 3.54 10.25 1.16
N SER A 184 4.54 11.07 0.87
CA SER A 184 5.73 10.57 0.18
C SER A 184 7.03 11.38 0.39
N TRP A 185 8.01 10.76 1.04
CA TRP A 185 9.33 11.34 1.25
C TRP A 185 10.20 11.26 0.01
N ASN A 186 10.91 12.35 -0.31
CA ASN A 186 11.84 12.38 -1.42
C ASN A 186 13.01 11.50 -1.08
N PRO A 187 13.27 10.47 -1.90
CA PRO A 187 14.43 9.63 -1.67
C PRO A 187 15.73 10.24 -2.21
N ASN A 188 15.66 11.40 -2.84
CA ASN A 188 16.89 12.01 -3.33
C ASN A 188 17.23 13.32 -2.62
N LEU A 189 16.24 13.98 -2.01
CA LEU A 189 16.41 15.22 -1.26
C LEU A 189 15.89 15.00 0.13
N SER A 190 16.80 14.71 1.03
CA SER A 190 16.45 14.41 2.40
C SER A 190 15.53 15.44 3.07
N GLY A 191 14.37 14.99 3.54
CA GLY A 191 13.44 15.83 4.30
C GLY A 191 12.36 16.53 3.48
N HIS A 192 12.36 16.31 2.16
CA HIS A 192 11.30 16.82 1.30
C HIS A 192 10.08 15.91 1.34
N LEU A 193 9.00 16.40 1.93
CA LEU A 193 7.78 15.63 2.13
C LEU A 193 6.59 16.16 1.29
N LEU A 194 5.97 15.28 0.49
CA LEU A 194 4.75 15.62 -0.23
C LEU A 194 3.57 15.01 0.46
N SER A 195 2.40 15.58 0.23
CA SER A 195 1.19 15.14 0.92
C SER A 195 0.00 15.49 0.06
N ALA A 196 -1.04 14.65 0.11
CA ALA A 196 -2.27 14.87 -0.65
C ALA A 196 -3.41 15.07 0.33
N SER A 197 -4.40 15.87 -0.07
CA SER A 197 -5.53 16.18 0.80
C SER A 197 -6.85 16.14 0.07
N ASP A 198 -7.92 15.95 0.85
CA ASP A 198 -9.30 16.06 0.35
C ASP A 198 -9.67 17.50 -0.02
N ASP A 199 -8.77 18.42 0.29
CA ASP A 199 -8.93 19.83 -0.05
C ASP A 199 -8.55 20.16 -1.49
N HIS A 200 -8.10 19.17 -2.25
CA HIS A 200 -7.70 19.33 -3.65
C HIS A 200 -6.26 19.77 -3.83
N THR A 201 -5.50 19.90 -2.76
CA THR A 201 -4.14 20.39 -2.87
C THR A 201 -3.06 19.38 -2.50
N ILE A 202 -1.84 19.65 -2.94
CA ILE A 202 -0.66 18.90 -2.57
C ILE A 202 0.28 19.87 -1.91
N CYS A 203 0.75 19.54 -0.71
CA CYS A 203 1.70 20.37 -0.02
C CYS A 203 3.04 19.72 0.03
N LEU A 204 4.06 20.57 -0.03
CA LEU A 204 5.43 20.17 0.10
C LEU A 204 6.01 20.83 1.34
N TRP A 205 6.80 20.08 2.10
CA TRP A 205 7.57 20.64 3.20
C TRP A 205 9.02 20.24 3.00
N ASP A 206 9.92 21.09 3.50
CA ASP A 206 11.33 20.76 3.65
C ASP A 206 11.61 20.83 5.14
N ILE A 207 11.53 19.69 5.80
CA ILE A 207 11.81 19.64 7.22
C ILE A 207 13.31 19.56 7.50
N SER A 208 14.11 19.59 6.44
CA SER A 208 15.55 19.67 6.60
C SER A 208 15.88 20.99 7.24
N ALA A 209 15.09 22.02 6.91
CA ALA A 209 15.19 23.32 7.56
C ALA A 209 14.60 23.22 8.95
N VAL A 210 15.26 22.40 9.76
CA VAL A 210 14.88 22.21 11.15
C VAL A 210 15.18 23.50 11.87
N PRO A 211 14.25 23.96 12.74
CA PRO A 211 14.67 25.02 13.64
C PRO A 211 15.13 24.41 14.95
N LYS A 212 15.69 25.20 15.87
CA LYS A 212 16.13 24.64 17.15
C LYS A 212 14.98 23.83 17.73
N GLU A 213 13.83 24.48 17.83
CA GLU A 213 12.61 23.82 18.23
C GLU A 213 11.42 24.63 17.76
N GLY A 214 11.28 24.76 16.45
CA GLY A 214 10.16 25.51 15.87
C GLY A 214 8.91 24.76 16.23
N LYS A 215 8.96 23.44 16.06
CA LYS A 215 7.90 22.54 16.49
C LYS A 215 6.59 22.70 15.70
N VAL A 216 6.58 23.64 14.76
CA VAL A 216 5.51 23.76 13.78
C VAL A 216 6.13 24.32 12.52
N VAL A 217 5.89 23.65 11.41
CA VAL A 217 6.38 24.12 10.12
C VAL A 217 5.22 24.59 9.26
N ASP A 218 5.57 25.29 8.18
CA ASP A 218 4.64 25.80 7.20
C ASP A 218 5.14 25.36 5.85
N ALA A 219 4.20 25.20 4.92
CA ALA A 219 4.43 24.56 3.63
C ALA A 219 5.23 25.40 2.66
N LYS A 220 6.29 24.83 2.11
CA LYS A 220 7.14 25.52 1.15
C LYS A 220 6.47 25.80 -0.21
N THR A 221 5.61 24.88 -0.65
CA THR A 221 4.93 25.01 -1.93
C THR A 221 3.56 24.34 -1.82
N ILE A 222 2.60 24.82 -2.60
CA ILE A 222 1.29 24.22 -2.64
C ILE A 222 0.89 24.10 -4.09
N PHE A 223 0.51 22.88 -4.51
CA PHE A 223 0.17 22.61 -5.91
C PHE A 223 -1.34 22.37 -6.08
N THR A 224 -1.95 23.08 -7.02
CA THR A 224 -3.42 23.22 -7.05
C THR A 224 -4.05 22.81 -8.38
N GLY A 225 -3.33 21.99 -9.13
CA GLY A 225 -3.78 21.56 -10.45
C GLY A 225 -5.04 20.71 -10.42
N HIS A 226 -5.26 19.98 -9.33
CA HIS A 226 -6.41 19.06 -9.31
C HIS A 226 -7.68 19.83 -8.98
N THR A 227 -8.81 19.35 -9.51
CA THR A 227 -10.12 19.92 -9.22
C THR A 227 -11.01 19.02 -8.39
N ALA A 228 -10.41 18.15 -7.58
CA ALA A 228 -11.14 17.26 -6.67
C ALA A 228 -10.19 16.70 -5.61
N VAL A 229 -10.72 15.89 -4.71
CA VAL A 229 -9.91 15.15 -3.71
C VAL A 229 -8.63 14.56 -4.35
N VAL A 230 -7.48 14.88 -3.79
CA VAL A 230 -6.23 14.27 -4.21
C VAL A 230 -5.97 13.05 -3.33
N GLU A 231 -6.02 11.89 -3.96
CA GLU A 231 -5.97 10.60 -3.25
C GLU A 231 -4.55 10.16 -2.94
N ASP A 232 -3.61 10.43 -3.83
CA ASP A 232 -2.25 9.97 -3.62
C ASP A 232 -1.22 10.86 -4.30
N VAL A 233 -0.02 10.81 -3.74
CA VAL A 233 1.14 11.48 -4.32
C VAL A 233 2.42 10.61 -4.15
N SER A 234 3.31 10.62 -5.11
CA SER A 234 4.55 9.89 -4.96
C SER A 234 5.68 10.60 -5.69
N TRP A 235 6.79 10.80 -5.00
CA TRP A 235 8.05 11.21 -5.67
C TRP A 235 8.54 10.18 -6.69
N HIS A 236 9.15 10.65 -7.76
CA HIS A 236 9.88 9.77 -8.68
C HIS A 236 11.08 9.31 -7.90
N LEU A 237 11.60 8.13 -8.24
CA LEU A 237 12.65 7.52 -7.43
C LEU A 237 14.08 7.95 -7.84
N LEU A 238 14.27 8.33 -9.09
CA LEU A 238 15.54 8.82 -9.63
C LEU A 238 15.67 10.32 -9.71
N HIS A 239 14.66 10.98 -10.28
CA HIS A 239 14.71 12.43 -10.59
C HIS A 239 14.08 13.23 -9.50
N GLU A 240 14.93 13.87 -8.70
CA GLU A 240 14.50 14.59 -7.50
C GLU A 240 13.49 15.70 -7.75
N SER A 241 13.39 16.18 -8.98
CA SER A 241 12.45 17.24 -9.27
C SER A 241 11.03 16.76 -9.62
N LEU A 242 10.86 15.47 -9.93
CA LEU A 242 9.57 15.00 -10.45
C LEU A 242 8.76 14.25 -9.41
N PHE A 243 7.46 14.50 -9.44
CA PHE A 243 6.50 13.71 -8.68
C PHE A 243 5.17 13.61 -9.45
N GLY A 244 4.42 12.56 -9.10
CA GLY A 244 3.09 12.32 -9.64
C GLY A 244 2.03 12.37 -8.54
N SER A 245 0.84 12.73 -8.98
CA SER A 245 -0.33 12.79 -8.11
C SER A 245 -1.51 12.28 -8.87
N VAL A 246 -2.47 11.77 -8.11
CA VAL A 246 -3.70 11.23 -8.69
C VAL A 246 -4.87 11.66 -7.82
N ALA A 247 -6.03 11.77 -8.44
CA ALA A 247 -7.14 12.43 -7.76
C ALA A 247 -8.50 11.92 -8.23
N ASP A 248 -9.52 12.36 -7.49
CA ASP A 248 -10.93 12.05 -7.86
C ASP A 248 -11.47 12.74 -9.12
N ASP A 249 -10.79 13.78 -9.62
CA ASP A 249 -11.00 14.29 -11.02
C ASP A 249 -10.60 13.31 -12.17
N GLN A 250 -10.16 12.11 -11.81
CA GLN A 250 -9.82 11.01 -12.74
C GLN A 250 -8.50 11.27 -13.48
N LYS A 251 -7.70 12.19 -12.95
CA LYS A 251 -6.48 12.55 -13.61
C LYS A 251 -5.19 12.09 -12.92
N LEU A 252 -4.20 11.75 -13.74
CA LEU A 252 -2.81 11.59 -13.29
C LEU A 252 -2.06 12.84 -13.74
N MET A 253 -1.35 13.44 -12.81
CA MET A 253 -0.60 14.65 -13.10
C MET A 253 0.86 14.46 -12.74
N ILE A 254 1.74 14.96 -13.60
CA ILE A 254 3.16 14.88 -13.38
C ILE A 254 3.68 16.27 -13.13
N TRP A 255 4.32 16.44 -11.97
CA TRP A 255 4.80 17.75 -11.52
C TRP A 255 6.33 17.81 -11.46
N ASP A 256 6.88 18.89 -11.98
CA ASP A 256 8.31 19.20 -11.86
C ASP A 256 8.48 20.38 -10.86
N THR A 257 9.15 20.15 -9.74
CA THR A 257 9.33 21.23 -8.77
C THR A 257 10.21 22.39 -9.29
N ARG A 258 10.79 22.25 -10.47
CA ARG A 258 11.58 23.33 -11.05
C ARG A 258 10.71 24.34 -11.81
N SER A 259 9.61 23.89 -12.41
CA SER A 259 8.68 24.82 -13.03
C SER A 259 8.18 25.77 -11.97
N ASN A 260 7.90 27.01 -12.36
CA ASN A 260 7.46 28.03 -11.41
C ASN A 260 5.93 28.05 -11.24
N ASN A 261 5.21 27.50 -12.22
CA ASN A 261 3.76 27.39 -12.21
C ASN A 261 3.26 26.18 -11.41
N THR A 262 2.62 26.45 -10.28
CA THR A 262 2.15 25.41 -9.35
C THR A 262 0.64 25.22 -9.39
N SER A 263 0.01 25.82 -10.37
CA SER A 263 -1.38 25.59 -10.64
C SER A 263 -1.58 24.67 -11.87
N LYS A 264 -0.52 24.41 -12.61
CA LYS A 264 -0.61 23.60 -13.81
C LYS A 264 0.58 22.62 -13.83
N PRO A 265 0.29 21.30 -13.83
CA PRO A 265 1.38 20.34 -13.79
C PRO A 265 2.12 20.31 -15.10
N SER A 266 3.28 19.68 -15.12
CA SER A 266 3.99 19.49 -16.35
C SER A 266 3.18 18.62 -17.33
N HIS A 267 2.59 17.53 -16.85
CA HIS A 267 1.69 16.68 -17.68
C HIS A 267 0.42 16.43 -16.90
N SER A 268 -0.66 16.23 -17.63
CA SER A 268 -1.98 15.96 -17.03
C SER A 268 -2.61 15.01 -17.99
N VAL A 269 -3.08 13.88 -17.46
CA VAL A 269 -3.56 12.74 -18.25
C VAL A 269 -4.97 12.38 -17.76
N ASP A 270 -5.83 12.01 -18.70
CA ASP A 270 -7.12 11.43 -18.37
C ASP A 270 -6.87 9.94 -18.14
N ALA A 271 -6.51 9.61 -16.92
CA ALA A 271 -5.95 8.31 -16.62
C ALA A 271 -6.99 7.21 -16.62
N HIS A 272 -8.15 7.48 -16.02
CA HIS A 272 -9.16 6.43 -15.80
C HIS A 272 -10.63 6.91 -16.00
N THR A 273 -11.59 6.00 -16.16
CA THR A 273 -13.00 6.38 -16.15
C THR A 273 -13.66 6.55 -14.78
N ALA A 274 -12.86 6.58 -13.70
CA ALA A 274 -13.38 6.94 -12.38
C ALA A 274 -12.30 7.49 -11.50
N GLU A 275 -12.60 7.70 -10.23
CA GLU A 275 -11.59 8.15 -9.28
C GLU A 275 -10.26 7.31 -9.37
N VAL A 276 -9.13 8.01 -9.19
CA VAL A 276 -7.78 7.42 -9.21
C VAL A 276 -7.26 7.50 -7.82
N ASN A 277 -7.01 6.36 -7.21
CA ASN A 277 -6.72 6.30 -5.79
C ASN A 277 -5.24 6.11 -5.46
N CYS A 278 -4.46 5.65 -6.41
CA CYS A 278 -3.06 5.37 -6.09
C CYS A 278 -2.20 5.38 -7.34
N LEU A 279 -0.91 5.58 -7.11
CA LEU A 279 0.12 5.41 -8.12
C LEU A 279 1.36 4.84 -7.54
N SER A 280 2.17 4.26 -8.38
CA SER A 280 3.49 3.76 -7.95
C SER A 280 4.50 3.83 -9.11
N PHE A 281 5.65 4.38 -8.82
CA PHE A 281 6.70 4.45 -9.86
C PHE A 281 7.52 3.17 -9.86
N ASN A 282 7.79 2.61 -11.04
CA ASN A 282 8.60 1.43 -11.14
C ASN A 282 10.04 1.70 -10.75
N PRO A 283 10.60 0.88 -9.84
CA PRO A 283 11.91 1.17 -9.27
C PRO A 283 13.10 0.77 -10.18
N TYR A 284 12.88 0.01 -11.25
CA TYR A 284 13.92 -0.31 -12.27
C TYR A 284 13.83 0.42 -13.60
N SER A 285 12.62 0.92 -13.89
CA SER A 285 12.27 1.60 -15.14
C SER A 285 11.77 3.01 -14.85
N GLU A 286 12.66 3.97 -15.08
CA GLU A 286 12.39 5.35 -14.72
C GLU A 286 11.26 6.01 -15.51
N PHE A 287 10.82 5.41 -16.63
CA PHE A 287 9.74 5.95 -17.41
C PHE A 287 8.37 5.29 -17.11
N ILE A 288 8.35 4.22 -16.34
CA ILE A 288 7.15 3.40 -16.17
C ILE A 288 6.56 3.64 -14.83
N LEU A 289 5.24 3.89 -14.82
CA LEU A 289 4.47 3.92 -13.59
C LEU A 289 3.14 3.23 -13.72
N ALA A 290 2.49 3.02 -12.57
CA ALA A 290 1.19 2.37 -12.52
C ALA A 290 0.24 3.20 -11.73
N THR A 291 -1.02 3.23 -12.15
CA THR A 291 -2.09 3.87 -11.33
C THR A 291 -3.23 2.87 -11.05
N GLY A 292 -3.86 2.98 -9.90
CA GLY A 292 -5.03 2.15 -9.61
C GLY A 292 -6.31 2.98 -9.35
N SER A 293 -7.46 2.44 -9.77
CA SER A 293 -8.72 3.20 -9.82
C SER A 293 -10.00 2.55 -9.26
N ALA A 294 -10.98 3.41 -8.97
CA ALA A 294 -12.37 3.02 -8.78
C ALA A 294 -12.97 2.39 -9.99
N ASP A 295 -12.33 2.52 -11.15
CA ASP A 295 -12.81 1.78 -12.35
C ASP A 295 -12.45 0.27 -12.40
N LYS A 296 -11.80 -0.17 -11.33
CA LYS A 296 -11.50 -1.60 -11.07
C LYS A 296 -10.30 -2.06 -11.88
N THR A 297 -9.58 -1.11 -12.53
CA THR A 297 -8.37 -1.45 -13.24
C THR A 297 -7.12 -0.82 -12.67
N VAL A 298 -5.99 -1.43 -13.02
CA VAL A 298 -4.69 -0.80 -12.87
C VAL A 298 -4.22 -0.41 -14.24
N ALA A 299 -3.79 0.83 -14.37
CA ALA A 299 -3.25 1.28 -15.64
C ALA A 299 -1.69 1.39 -15.61
N LEU A 300 -1.08 0.97 -16.71
CA LEU A 300 0.36 1.12 -16.93
C LEU A 300 0.73 2.31 -17.84
N TRP A 301 1.65 3.14 -17.38
CA TRP A 301 2.01 4.37 -18.06
C TRP A 301 3.52 4.48 -18.46
N ASP A 302 3.79 5.10 -19.60
CA ASP A 302 5.12 5.55 -20.02
C ASP A 302 5.15 7.06 -19.98
N LEU A 303 5.94 7.63 -19.10
CA LEU A 303 6.04 9.05 -18.97
C LEU A 303 6.45 9.77 -20.27
N ARG A 304 7.03 9.08 -21.23
CA ARG A 304 7.42 9.72 -22.50
C ARG A 304 6.24 9.90 -23.45
N ASN A 305 5.16 9.18 -23.20
CA ASN A 305 3.98 9.33 -24.02
C ASN A 305 2.71 9.02 -23.24
N LEU A 306 2.42 9.88 -22.30
CA LEU A 306 1.27 9.72 -21.48
C LEU A 306 -0.08 9.85 -22.20
N LYS A 307 -0.08 10.26 -23.44
CA LYS A 307 -1.32 10.29 -24.20
C LYS A 307 -1.88 8.88 -24.38
N LEU A 308 -1.05 7.87 -24.21
CA LEU A 308 -1.47 6.52 -24.52
C LEU A 308 -1.09 5.53 -23.39
N LYS A 309 -2.11 5.01 -22.75
CA LYS A 309 -2.00 3.93 -21.79
C LYS A 309 -1.32 2.74 -22.39
N LEU A 310 -0.33 2.19 -21.68
CA LEU A 310 0.33 0.99 -22.19
C LEU A 310 -0.48 -0.28 -22.09
N HIS A 311 -1.26 -0.36 -21.03
CA HIS A 311 -1.95 -1.60 -20.72
C HIS A 311 -2.88 -1.32 -19.59
N SER A 312 -3.93 -2.10 -19.55
CA SER A 312 -4.87 -2.04 -18.49
C SER A 312 -5.00 -3.46 -17.91
N PHE A 313 -4.74 -3.54 -16.60
CA PHE A 313 -4.80 -4.83 -15.91
C PHE A 313 -6.19 -4.96 -15.33
N GLU A 314 -6.94 -5.96 -15.76
CA GLU A 314 -8.26 -6.14 -15.17
C GLU A 314 -8.47 -7.49 -14.56
N SER A 315 -9.14 -7.48 -13.42
CA SER A 315 -9.50 -8.69 -12.74
C SER A 315 -10.18 -8.34 -11.48
N HIS A 316 -9.76 -7.26 -10.84
CA HIS A 316 -10.42 -6.85 -9.61
C HIS A 316 -11.95 -6.65 -9.83
N LYS A 317 -12.69 -6.84 -8.77
CA LYS A 317 -14.13 -6.81 -8.76
C LYS A 317 -14.63 -5.52 -8.12
N ASP A 318 -13.76 -4.71 -7.56
CA ASP A 318 -14.20 -3.47 -6.96
C ASP A 318 -13.03 -2.49 -6.97
N GLU A 319 -13.26 -1.33 -6.35
CA GLU A 319 -12.33 -0.23 -6.31
C GLU A 319 -10.97 -0.63 -5.77
N ILE A 320 -9.91 -0.17 -6.45
CA ILE A 320 -8.52 -0.39 -6.07
C ILE A 320 -7.98 0.83 -5.32
N PHE A 321 -7.40 0.62 -4.16
CA PHE A 321 -6.85 1.70 -3.34
C PHE A 321 -5.34 1.68 -3.19
N GLN A 322 -4.68 0.54 -3.40
CA GLN A 322 -3.23 0.52 -3.31
C GLN A 322 -2.58 -0.26 -4.46
N VAL A 323 -1.45 0.25 -4.95
CA VAL A 323 -0.67 -0.41 -5.99
C VAL A 323 0.80 -0.28 -5.67
N GLN A 324 1.55 -1.37 -5.71
CA GLN A 324 2.98 -1.36 -5.36
C GLN A 324 3.82 -2.27 -6.26
N TRP A 325 4.86 -1.73 -6.89
CA TRP A 325 5.80 -2.54 -7.60
C TRP A 325 6.64 -3.40 -6.65
N SER A 326 6.97 -4.62 -7.09
CA SER A 326 7.99 -5.44 -6.35
C SER A 326 9.34 -4.74 -6.23
N PRO A 327 9.96 -4.78 -5.04
CA PRO A 327 11.27 -4.13 -4.96
C PRO A 327 12.40 -5.00 -5.53
N HIS A 328 12.10 -6.27 -5.84
CA HIS A 328 13.09 -7.21 -6.32
C HIS A 328 12.90 -7.57 -7.79
N ASN A 329 11.69 -7.44 -8.33
CA ASN A 329 11.40 -8.00 -9.67
C ASN A 329 10.69 -7.01 -10.51
N GLU A 330 11.41 -6.50 -11.49
CA GLU A 330 10.95 -5.39 -12.31
C GLU A 330 9.65 -5.58 -13.09
N THR A 331 9.24 -6.81 -13.36
CA THR A 331 8.04 -7.02 -14.08
C THR A 331 6.83 -7.35 -13.16
N ILE A 332 7.01 -7.23 -11.83
CA ILE A 332 6.03 -7.70 -10.89
C ILE A 332 5.40 -6.52 -10.10
N LEU A 333 4.07 -6.53 -10.06
CA LEU A 333 3.30 -5.47 -9.52
C LEU A 333 2.20 -6.12 -8.67
N ALA A 334 1.77 -5.47 -7.59
CA ALA A 334 0.60 -5.92 -6.85
C ALA A 334 -0.43 -4.81 -6.61
N SER A 335 -1.69 -5.20 -6.44
CA SER A 335 -2.81 -4.24 -6.22
C SER A 335 -3.84 -4.77 -5.25
N SER A 336 -4.39 -3.88 -4.43
CA SER A 336 -5.42 -4.30 -3.47
C SER A 336 -6.55 -3.26 -3.43
N GLY A 337 -7.66 -3.68 -2.89
CA GLY A 337 -8.75 -2.77 -2.64
C GLY A 337 -9.93 -3.35 -1.86
N THR A 338 -11.10 -2.91 -2.29
CA THR A 338 -12.37 -3.15 -1.62
C THR A 338 -12.87 -4.57 -1.83
N ASP A 339 -12.52 -5.21 -2.92
CA ASP A 339 -12.97 -6.56 -3.22
C ASP A 339 -12.30 -7.64 -2.33
N ARG A 340 -11.50 -7.24 -1.36
CA ARG A 340 -10.90 -8.15 -0.38
C ARG A 340 -9.74 -9.01 -0.93
N ARG A 341 -9.39 -8.77 -2.16
CA ARG A 341 -8.38 -9.53 -2.85
C ARG A 341 -7.14 -8.69 -3.04
N LEU A 342 -5.99 -9.35 -2.93
CA LEU A 342 -4.76 -8.74 -3.41
C LEU A 342 -4.24 -9.51 -4.62
N ASN A 343 -4.09 -8.81 -5.75
CA ASN A 343 -3.62 -9.46 -6.98
C ASN A 343 -2.17 -9.12 -7.27
N VAL A 344 -1.45 -10.09 -7.79
CA VAL A 344 -0.07 -9.88 -8.16
C VAL A 344 -0.05 -10.13 -9.67
N TRP A 345 0.59 -9.23 -10.39
CA TRP A 345 0.67 -9.24 -11.85
C TRP A 345 2.10 -9.37 -12.30
N ASP A 346 2.31 -10.09 -13.41
CA ASP A 346 3.61 -10.19 -14.09
C ASP A 346 3.51 -9.73 -15.56
N LEU A 347 4.02 -8.54 -15.84
CA LEU A 347 3.97 -7.88 -17.16
C LEU A 347 4.51 -8.72 -18.30
N SER A 348 5.45 -9.61 -18.00
CA SER A 348 6.14 -10.35 -19.02
C SER A 348 5.21 -11.40 -19.62
N LYS A 349 4.05 -11.64 -19.01
CA LYS A 349 3.08 -12.58 -19.51
C LYS A 349 1.99 -11.91 -20.33
N ILE A 350 2.11 -10.62 -20.54
CA ILE A 350 1.15 -9.89 -21.33
C ILE A 350 1.18 -10.37 -22.77
N GLY A 351 0.01 -10.69 -23.30
CA GLY A 351 -0.11 -11.09 -24.68
C GLY A 351 0.06 -12.58 -24.91
N GLU A 352 0.44 -13.34 -23.89
CA GLU A 352 0.55 -14.79 -24.07
C GLU A 352 -0.82 -15.43 -24.33
N GLU A 353 -0.80 -16.59 -24.95
CA GLU A 353 -2.05 -17.23 -25.32
C GLU A 353 -2.42 -18.18 -24.24
N GLN A 354 -3.73 -18.36 -24.07
CA GLN A 354 -4.27 -19.21 -23.02
C GLN A 354 -5.26 -20.19 -23.60
N SER A 355 -5.46 -21.30 -22.88
CA SER A 355 -6.60 -22.17 -23.17
C SER A 355 -7.87 -21.42 -22.76
N PRO A 356 -9.03 -21.92 -23.19
CA PRO A 356 -10.24 -21.22 -22.75
C PRO A 356 -10.52 -21.40 -21.26
N GLU A 357 -10.15 -22.55 -20.69
CA GLU A 357 -10.32 -22.79 -19.25
C GLU A 357 -9.57 -21.74 -18.44
N ASP A 358 -8.29 -21.57 -18.77
CA ASP A 358 -7.44 -20.55 -18.15
C ASP A 358 -7.96 -19.13 -18.35
N ALA A 359 -8.44 -18.79 -19.54
CA ALA A 359 -8.88 -17.42 -19.79
C ALA A 359 -10.09 -17.08 -18.98
N GLU A 360 -10.81 -18.08 -18.55
CA GLU A 360 -11.94 -17.87 -17.67
C GLU A 360 -11.46 -17.29 -16.33
N ASP A 361 -10.32 -17.76 -15.86
CA ASP A 361 -9.75 -17.27 -14.59
C ASP A 361 -9.18 -15.86 -14.60
N GLY A 362 -8.75 -15.39 -15.75
CA GLY A 362 -8.27 -14.03 -15.88
C GLY A 362 -7.20 -13.94 -16.91
N PRO A 363 -6.74 -12.73 -17.16
CA PRO A 363 -5.76 -12.49 -18.19
C PRO A 363 -4.41 -13.18 -17.85
N PRO A 364 -3.59 -13.43 -18.89
CA PRO A 364 -2.35 -14.21 -18.66
C PRO A 364 -1.36 -13.51 -17.71
N GLU A 365 -1.38 -12.19 -17.64
CA GLU A 365 -0.49 -11.46 -16.69
C GLU A 365 -0.90 -11.50 -15.19
N LEU A 366 -2.05 -12.07 -14.88
CA LEU A 366 -2.49 -12.24 -13.53
C LEU A 366 -1.83 -13.50 -12.96
N LEU A 367 -0.94 -13.30 -11.99
CA LEU A 367 -0.08 -14.37 -11.53
C LEU A 367 -0.64 -15.01 -10.28
N PHE A 368 -1.15 -14.21 -9.37
CA PHE A 368 -1.63 -14.70 -8.09
C PHE A 368 -2.75 -13.86 -7.55
N ILE A 369 -3.75 -14.50 -6.99
CA ILE A 369 -4.77 -13.84 -6.23
C ILE A 369 -4.66 -14.32 -4.82
N HIS A 370 -4.30 -13.42 -3.94
CA HIS A 370 -4.34 -13.67 -2.48
C HIS A 370 -5.76 -13.48 -1.95
N GLY A 371 -6.37 -14.61 -1.53
CA GLY A 371 -7.74 -14.64 -1.02
C GLY A 371 -7.78 -14.79 0.50
N GLY A 372 -6.70 -14.49 1.18
CA GLY A 372 -6.65 -14.65 2.62
C GLY A 372 -7.50 -13.72 3.46
N HIS A 373 -7.89 -12.58 2.90
CA HIS A 373 -8.60 -11.59 3.67
C HIS A 373 -10.12 -11.73 3.52
N THR A 374 -10.85 -11.35 4.56
CA THR A 374 -12.32 -11.37 4.51
C THR A 374 -12.95 -10.01 4.77
N ALA A 375 -12.16 -8.97 4.62
CA ALA A 375 -12.69 -7.62 4.56
C ALA A 375 -11.77 -6.79 3.67
N LYS A 376 -12.23 -5.60 3.32
CA LYS A 376 -11.43 -4.62 2.60
C LYS A 376 -9.97 -4.52 3.04
N ILE A 377 -9.10 -4.60 2.05
CA ILE A 377 -7.67 -4.51 2.33
C ILE A 377 -7.35 -3.06 2.36
N SER A 378 -6.76 -2.61 3.46
CA SER A 378 -6.51 -1.20 3.64
C SER A 378 -5.11 -0.78 3.11
N ASP A 379 -4.10 -1.66 3.21
CA ASP A 379 -2.74 -1.27 2.77
C ASP A 379 -1.95 -2.56 2.68
N PHE A 380 -0.84 -2.53 1.93
CA PHE A 380 0.10 -3.64 2.01
C PHE A 380 1.48 -3.15 1.72
N SER A 381 2.47 -3.97 2.05
CA SER A 381 3.85 -3.58 1.82
C SER A 381 4.66 -4.80 1.45
N TRP A 382 5.48 -4.69 0.41
CA TRP A 382 6.36 -5.77 0.02
C TRP A 382 7.56 -5.69 0.93
N ASN A 383 8.01 -6.81 1.49
CA ASN A 383 9.21 -6.84 2.30
C ASN A 383 10.41 -6.56 1.44
N PRO A 384 11.24 -5.55 1.79
CA PRO A 384 12.42 -5.17 0.98
C PRO A 384 13.64 -6.08 1.19
N ASN A 385 13.60 -6.95 2.18
CA ASN A 385 14.70 -7.89 2.44
C ASN A 385 14.40 -9.36 2.15
N GLU A 386 13.14 -9.79 2.22
CA GLU A 386 12.83 -11.17 1.84
C GLU A 386 11.97 -11.17 0.54
N PRO A 387 12.59 -11.51 -0.59
CA PRO A 387 11.80 -11.52 -1.83
C PRO A 387 10.49 -12.25 -1.71
N TRP A 388 9.43 -11.63 -2.25
CA TRP A 388 8.08 -12.20 -2.36
C TRP A 388 7.25 -12.20 -1.10
N VAL A 389 7.81 -11.68 -0.01
CA VAL A 389 7.06 -11.65 1.23
C VAL A 389 6.23 -10.37 1.20
N ILE A 390 4.95 -10.52 1.52
CA ILE A 390 4.10 -9.35 1.62
C ILE A 390 3.40 -9.24 2.96
N CYS A 391 3.19 -8.03 3.43
CA CYS A 391 2.33 -7.83 4.57
C CYS A 391 1.12 -7.06 4.14
N SER A 392 -0.07 -7.58 4.40
CA SER A 392 -1.27 -6.88 4.05
C SER A 392 -2.16 -6.76 5.26
N VAL A 393 -2.87 -5.64 5.38
CA VAL A 393 -3.76 -5.38 6.51
C VAL A 393 -5.16 -5.04 6.05
N SER A 394 -6.15 -5.54 6.78
CA SER A 394 -7.55 -5.32 6.44
C SER A 394 -8.35 -4.68 7.55
N GLU A 395 -9.53 -4.23 7.17
CA GLU A 395 -10.46 -3.49 8.07
C GLU A 395 -11.04 -4.26 9.22
N ASP A 396 -10.91 -5.56 9.23
CA ASP A 396 -11.40 -6.40 10.30
C ASP A 396 -10.29 -6.76 11.31
N ASN A 397 -9.23 -5.96 11.37
CA ASN A 397 -8.09 -6.15 12.29
C ASN A 397 -7.02 -7.10 11.83
N ILE A 398 -7.30 -7.88 10.78
CA ILE A 398 -6.36 -8.91 10.37
C ILE A 398 -5.12 -8.29 9.72
N MET A 399 -3.94 -8.80 10.07
CA MET A 399 -2.70 -8.52 9.37
C MET A 399 -2.18 -9.87 8.92
N GLN A 400 -1.84 -9.99 7.64
CA GLN A 400 -1.23 -11.22 7.14
C GLN A 400 0.15 -10.94 6.60
N VAL A 401 1.06 -11.84 6.87
CA VAL A 401 2.39 -11.81 6.28
C VAL A 401 2.51 -13.13 5.54
N TRP A 402 2.84 -13.06 4.25
CA TRP A 402 2.71 -14.25 3.39
C TRP A 402 3.62 -14.20 2.20
N GLN A 403 3.85 -15.37 1.63
CA GLN A 403 4.74 -15.52 0.57
C GLN A 403 4.23 -16.65 -0.29
N MET A 404 3.92 -16.34 -1.54
CA MET A 404 3.37 -17.39 -2.47
C MET A 404 4.38 -18.51 -2.75
N ALA A 405 3.90 -19.67 -3.11
CA ALA A 405 4.78 -20.80 -3.38
C ALA A 405 5.71 -20.50 -4.52
N GLU A 406 6.94 -20.93 -4.35
CA GLU A 406 7.99 -20.58 -5.27
C GLU A 406 7.74 -21.12 -6.68
N ASN A 407 7.12 -22.28 -6.86
CA ASN A 407 6.88 -22.73 -8.23
C ASN A 407 5.84 -21.89 -8.99
N ILE A 408 5.08 -21.06 -8.28
CA ILE A 408 4.13 -20.19 -8.94
C ILE A 408 4.87 -19.20 -9.84
N TYR A 409 5.95 -18.65 -9.33
CA TYR A 409 6.68 -17.62 -10.06
C TYR A 409 7.98 -18.14 -10.63
N ASN A 410 8.48 -19.26 -10.11
CA ASN A 410 9.81 -19.73 -10.48
C ASN A 410 9.73 -20.73 -11.59
N ASP A 411 9.61 -20.22 -12.81
CA ASP A 411 9.73 -21.01 -14.00
C ASP A 411 9.99 -20.09 -15.17
N LYS B 1 4.29 -34.83 -7.92
CA LYS B 1 3.30 -34.84 -9.06
C LYS B 1 1.91 -35.41 -8.72
N LEU B 2 1.56 -35.43 -7.43
CA LEU B 2 0.16 -35.45 -7.02
C LEU B 2 -0.45 -34.15 -7.51
N LEU B 3 0.36 -33.10 -7.39
CA LEU B 3 0.02 -31.75 -7.83
C LEU B 3 1.16 -31.17 -8.69
N SER B 4 0.89 -30.90 -9.96
CA SER B 4 1.88 -30.31 -10.86
C SER B 4 2.03 -28.82 -10.59
N SER B 5 3.15 -28.26 -11.03
CA SER B 5 3.38 -26.81 -11.01
C SER B 5 2.30 -26.08 -11.85
N SER B 6 1.93 -26.71 -12.96
CA SER B 6 0.92 -26.21 -13.87
C SER B 6 -0.47 -26.09 -13.22
N GLU B 7 -0.91 -27.13 -12.54
CA GLU B 7 -2.12 -27.07 -11.72
C GLU B 7 -1.96 -26.14 -10.51
N THR B 8 -0.72 -25.92 -10.05
CA THR B 8 -0.46 -25.00 -8.94
C THR B 8 -0.62 -23.57 -9.49
N LYS B 9 -0.14 -23.32 -10.70
CA LYS B 9 -0.24 -22.00 -11.27
C LYS B 9 -1.68 -21.67 -11.56
N ARG B 10 -2.44 -22.69 -11.94
CA ARG B 10 -3.84 -22.50 -12.23
C ARG B 10 -4.63 -22.26 -10.96
N ALA B 11 -4.30 -22.99 -9.91
CA ALA B 11 -4.90 -22.76 -8.60
C ALA B 11 -4.57 -21.38 -8.01
N ALA B 12 -3.42 -20.84 -8.39
CA ALA B 12 -3.02 -19.50 -7.95
C ALA B 12 -4.04 -18.45 -8.39
N ARG B 13 -4.77 -18.71 -9.47
CA ARG B 13 -5.73 -17.77 -10.02
C ARG B 13 -7.17 -18.14 -9.71
N ARG B 14 -7.34 -19.14 -8.85
CA ARG B 14 -8.65 -19.58 -8.40
C ARG B 14 -8.57 -19.90 -6.95
N PRO B 15 -8.39 -18.89 -6.13
CA PRO B 15 -8.15 -19.26 -4.74
C PRO B 15 -9.36 -19.77 -3.97
N TYR B 16 -10.57 -19.49 -4.47
CA TYR B 16 -11.79 -19.94 -3.81
C TYR B 16 -12.34 -21.29 -4.25
N LYS B 17 -11.69 -21.92 -5.21
CA LYS B 17 -12.00 -23.25 -5.63
C LYS B 17 -11.07 -24.26 -4.95
N PRO B 18 -11.62 -25.32 -4.37
CA PRO B 18 -10.77 -26.33 -3.73
C PRO B 18 -9.78 -26.89 -4.72
N ILE B 19 -8.55 -27.14 -4.28
CA ILE B 19 -7.55 -27.67 -5.18
C ILE B 19 -7.84 -29.16 -5.39
N ALA B 20 -7.84 -29.57 -6.66
CA ALA B 20 -8.11 -30.95 -7.07
C ALA B 20 -6.87 -31.86 -6.98
N LEU B 21 -6.84 -32.72 -5.95
CA LEU B 21 -5.76 -33.68 -5.75
C LEU B 21 -6.12 -35.03 -6.39
N ARG B 22 -5.59 -35.31 -7.58
CA ARG B 22 -6.04 -36.46 -8.39
C ARG B 22 -5.06 -37.62 -8.34
#